data_5AAY
#
_entry.id   5AAY
#
_cell.length_a   1.000
_cell.length_b   1.000
_cell.length_c   1.000
_cell.angle_alpha   90.00
_cell.angle_beta   90.00
_cell.angle_gamma   90.00
#
_symmetry.space_group_name_H-M   'P 1'
#
loop_
_entity.id
_entity.type
_entity.pdbx_description
1 polymer 'NF-KAPPA-B ESSENTIAL MODULATOR'
2 non-polymer 'ZINC ION'
#
_entity_poly.entity_id   1
_entity_poly.type   'polypeptide(L)'
_entity_poly.pdbx_seq_one_letter_code
;GSPPDFCCPKCQYQAPDMDTLQIHVMECIE
;
_entity_poly.pdbx_strand_id   A
#
loop_
_chem_comp.id
_chem_comp.type
_chem_comp.name
_chem_comp.formula
ZN non-polymer 'ZINC ION' 'Zn 2'
#
# COMPACT_ATOMS: atom_id res chain seq x y z
N SER A 2 -1.98 13.75 -11.37
CA SER A 2 -2.50 13.10 -10.13
C SER A 2 -1.47 12.14 -9.53
N PRO A 3 -0.62 12.66 -8.64
CA PRO A 3 0.43 11.85 -7.98
C PRO A 3 -0.14 10.57 -7.36
N PRO A 4 0.28 9.39 -7.85
CA PRO A 4 -0.19 8.10 -7.32
C PRO A 4 -0.10 8.03 -5.79
N ASP A 5 -1.23 7.82 -5.14
CA ASP A 5 -1.27 7.71 -3.69
C ASP A 5 -1.48 6.27 -3.23
N PHE A 6 -1.59 5.35 -4.19
CA PHE A 6 -1.78 3.95 -3.87
C PHE A 6 -0.45 3.20 -3.84
N CYS A 7 0.54 3.80 -3.20
CA CYS A 7 1.86 3.20 -3.10
C CYS A 7 2.20 2.83 -1.66
N CYS A 8 2.70 1.63 -1.46
CA CYS A 8 3.07 1.16 -0.13
C CYS A 8 4.41 1.75 0.30
N PRO A 9 4.50 2.33 1.51
CA PRO A 9 5.72 2.95 2.02
C PRO A 9 6.74 1.92 2.54
N LYS A 10 6.46 0.64 2.32
CA LYS A 10 7.36 -0.41 2.77
C LYS A 10 8.09 -1.05 1.60
N CYS A 11 7.38 -1.23 0.49
CA CYS A 11 7.97 -1.85 -0.70
C CYS A 11 7.52 -1.15 -1.98
N GLN A 12 6.90 0.03 -1.83
CA GLN A 12 6.43 0.78 -2.99
C GLN A 12 5.40 -0.03 -3.79
N TYR A 13 4.82 -1.04 -3.15
CA TYR A 13 3.82 -1.88 -3.80
C TYR A 13 2.64 -1.04 -4.30
N GLN A 14 2.18 -1.36 -5.50
CA GLN A 14 1.04 -0.64 -6.09
C GLN A 14 -0.26 -1.35 -5.79
N ALA A 15 -1.14 -0.69 -5.05
CA ALA A 15 -2.44 -1.27 -4.70
C ALA A 15 -3.52 -0.85 -5.69
N PRO A 16 -4.48 -1.76 -5.98
CA PRO A 16 -5.58 -1.47 -6.89
C PRO A 16 -6.64 -0.57 -6.28
N ASP A 17 -6.64 -0.47 -4.96
CA ASP A 17 -7.60 0.35 -4.24
C ASP A 17 -6.98 0.90 -2.96
N MET A 18 -7.83 1.43 -2.08
CA MET A 18 -7.36 1.99 -0.82
C MET A 18 -7.46 0.96 0.30
N ASP A 19 -8.53 0.19 0.30
CA ASP A 19 -8.75 -0.83 1.33
C ASP A 19 -7.68 -1.91 1.24
N THR A 20 -7.55 -2.52 0.06
CA THR A 20 -6.57 -3.57 -0.15
C THR A 20 -5.16 -3.07 0.18
N LEU A 21 -4.91 -1.80 -0.13
CA LEU A 21 -3.62 -1.19 0.13
C LEU A 21 -3.32 -1.17 1.63
N GLN A 22 -4.32 -0.77 2.42
CA GLN A 22 -4.16 -0.70 3.87
C GLN A 22 -3.93 -2.09 4.45
N ILE A 23 -4.59 -3.08 3.87
CA ILE A 23 -4.46 -4.46 4.34
C ILE A 23 -3.06 -4.99 4.02
N HIS A 24 -2.50 -4.53 2.90
CA HIS A 24 -1.17 -4.95 2.49
C HIS A 24 -0.12 -4.44 3.46
N VAL A 25 -0.19 -3.15 3.80
CA VAL A 25 0.75 -2.54 4.73
C VAL A 25 0.60 -3.10 6.13
N MET A 26 -0.64 -3.33 6.52
CA MET A 26 -0.94 -3.85 7.86
C MET A 26 -0.15 -5.14 8.13
N GLU A 27 0.18 -5.87 7.07
CA GLU A 27 0.93 -7.11 7.20
C GLU A 27 2.26 -7.06 6.45
N CYS A 28 2.46 -6.01 5.66
CA CYS A 28 3.71 -5.87 4.92
C CYS A 28 4.91 -5.82 5.87
N ILE A 29 4.64 -5.54 7.14
CA ILE A 29 5.69 -5.48 8.16
C ILE A 29 5.70 -6.76 9.00
N GLU A 30 6.86 -7.40 9.05
CA GLU A 30 7.00 -8.64 9.82
C GLU A 30 7.51 -8.33 11.23
ZN ZN B . 4.14 -3.34 1.14
N SER A 2 2.97 9.99 -12.17
CA SER A 2 3.69 10.25 -10.90
C SER A 2 3.24 9.28 -9.81
N PRO A 3 4.15 8.93 -8.87
CA PRO A 3 3.85 8.00 -7.78
C PRO A 3 2.58 8.38 -7.03
N PRO A 4 1.47 7.65 -7.27
CA PRO A 4 0.19 7.92 -6.62
C PRO A 4 0.26 7.72 -5.10
N ASP A 5 -0.79 8.15 -4.40
CA ASP A 5 -0.84 8.02 -2.95
C ASP A 5 -1.16 6.58 -2.53
N PHE A 6 -1.47 5.73 -3.51
CA PHE A 6 -1.79 4.34 -3.24
C PHE A 6 -0.55 3.46 -3.39
N CYS A 7 0.57 3.94 -2.86
CA CYS A 7 1.83 3.20 -2.94
C CYS A 7 2.31 2.79 -1.55
N CYS A 8 2.61 1.51 -1.39
CA CYS A 8 3.08 0.99 -0.11
C CYS A 8 4.47 1.54 0.21
N PRO A 9 4.62 2.28 1.32
CA PRO A 9 5.90 2.87 1.72
C PRO A 9 6.88 1.85 2.29
N LYS A 10 6.44 0.60 2.40
CA LYS A 10 7.29 -0.46 2.94
C LYS A 10 8.05 -1.18 1.83
N CYS A 11 7.37 -1.46 0.72
CA CYS A 11 8.00 -2.15 -0.40
C CYS A 11 7.66 -1.49 -1.74
N GLN A 12 7.01 -0.33 -1.68
CA GLN A 12 6.62 0.39 -2.90
C GLN A 12 5.58 -0.38 -3.71
N TYR A 13 4.94 -1.37 -3.08
CA TYR A 13 3.93 -2.17 -3.75
C TYR A 13 2.74 -1.30 -4.16
N GLN A 14 2.21 -1.56 -5.36
CA GLN A 14 1.07 -0.81 -5.87
C GLN A 14 -0.24 -1.49 -5.48
N ALA A 15 -1.28 -0.69 -5.26
CA ALA A 15 -2.58 -1.22 -4.88
C ALA A 15 -3.68 -0.68 -5.79
N PRO A 16 -4.71 -1.50 -6.08
CA PRO A 16 -5.82 -1.10 -6.94
C PRO A 16 -6.83 -0.22 -6.20
N ASP A 17 -6.78 -0.25 -4.87
CA ASP A 17 -7.69 0.55 -4.06
C ASP A 17 -7.03 0.92 -2.73
N MET A 18 -7.80 1.47 -1.82
CA MET A 18 -7.28 1.87 -0.52
C MET A 18 -7.40 0.73 0.49
N ASP A 19 -8.49 -0.03 0.39
CA ASP A 19 -8.72 -1.15 1.30
C ASP A 19 -7.64 -2.21 1.14
N THR A 20 -7.47 -2.70 -0.09
CA THR A 20 -6.46 -3.71 -0.37
C THR A 20 -5.07 -3.18 -0.01
N LEU A 21 -4.86 -1.89 -0.26
CA LEU A 21 -3.59 -1.25 0.02
C LEU A 21 -3.31 -1.25 1.53
N GLN A 22 -4.34 -0.88 2.30
CA GLN A 22 -4.21 -0.84 3.75
C GLN A 22 -3.92 -2.23 4.32
N ILE A 23 -4.60 -3.23 3.76
CA ILE A 23 -4.42 -4.61 4.20
C ILE A 23 -3.01 -5.10 3.84
N HIS A 24 -2.49 -4.61 2.73
CA HIS A 24 -1.17 -4.99 2.27
C HIS A 24 -0.11 -4.47 3.23
N VAL A 25 -0.25 -3.20 3.64
CA VAL A 25 0.71 -2.57 4.54
C VAL A 25 0.60 -3.09 5.97
N MET A 26 -0.62 -3.28 6.44
CA MET A 26 -0.85 -3.77 7.80
C MET A 26 -0.07 -5.05 8.08
N GLU A 27 0.22 -5.81 7.02
CA GLU A 27 0.95 -7.06 7.16
C GLU A 27 2.31 -6.99 6.48
N CYS A 28 2.44 -6.15 5.46
CA CYS A 28 3.71 -6.00 4.75
C CYS A 28 4.77 -5.42 5.67
N ILE A 29 4.32 -4.70 6.70
CA ILE A 29 5.24 -4.09 7.66
C ILE A 29 5.64 -5.09 8.74
N GLU A 30 6.93 -5.10 9.07
CA GLU A 30 7.44 -6.01 10.09
C GLU A 30 8.50 -5.32 10.94
ZN ZN B . 4.17 -3.57 0.91
N SER A 2 3.81 14.33 -6.93
CA SER A 2 3.13 13.88 -5.69
C SER A 2 2.67 12.43 -5.81
N PRO A 3 3.45 11.48 -5.28
CA PRO A 3 3.11 10.05 -5.33
C PRO A 3 1.68 9.78 -4.87
N PRO A 4 1.04 8.73 -5.41
CA PRO A 4 -0.33 8.36 -5.06
C PRO A 4 -0.42 7.73 -3.67
N ASP A 5 -1.61 7.77 -3.08
CA ASP A 5 -1.83 7.21 -1.75
C ASP A 5 -1.92 5.67 -1.80
N PHE A 6 -1.93 5.12 -3.02
CA PHE A 6 -2.01 3.68 -3.18
C PHE A 6 -0.62 3.07 -3.36
N CYS A 7 0.32 3.55 -2.57
CA CYS A 7 1.70 3.05 -2.65
C CYS A 7 2.21 2.63 -1.27
N CYS A 8 2.71 1.39 -1.18
CA CYS A 8 3.23 0.87 0.07
C CYS A 8 4.62 1.44 0.35
N PRO A 9 4.81 2.08 1.52
CA PRO A 9 6.11 2.68 1.88
C PRO A 9 7.15 1.61 2.24
N LYS A 10 6.72 0.37 2.36
CA LYS A 10 7.62 -0.72 2.69
C LYS A 10 8.30 -1.30 1.46
N CYS A 11 7.54 -1.52 0.39
CA CYS A 11 8.09 -2.09 -0.84
C CYS A 11 7.58 -1.37 -2.08
N GLN A 12 6.97 -0.20 -1.88
CA GLN A 12 6.44 0.58 -3.00
C GLN A 12 5.39 -0.22 -3.78
N TYR A 13 4.83 -1.24 -3.14
CA TYR A 13 3.81 -2.07 -3.77
C TYR A 13 2.61 -1.22 -4.19
N GLN A 14 2.12 -1.47 -5.40
CA GLN A 14 0.97 -0.74 -5.93
C GLN A 14 -0.34 -1.41 -5.52
N ALA A 15 -1.37 -0.62 -5.31
CA ALA A 15 -2.68 -1.14 -4.91
C ALA A 15 -3.79 -0.56 -5.78
N PRO A 16 -4.78 -1.40 -6.15
CA PRO A 16 -5.91 -0.96 -6.98
C PRO A 16 -6.92 -0.12 -6.19
N ASP A 17 -6.81 -0.16 -4.87
CA ASP A 17 -7.70 0.58 -4.00
C ASP A 17 -7.03 0.85 -2.66
N MET A 18 -7.59 1.79 -1.89
CA MET A 18 -7.03 2.14 -0.60
C MET A 18 -7.21 1.00 0.40
N ASP A 19 -8.27 0.22 0.21
CA ASP A 19 -8.55 -0.91 1.10
C ASP A 19 -7.50 -2.00 0.95
N THR A 20 -7.31 -2.48 -0.26
CA THR A 20 -6.33 -3.52 -0.54
C THR A 20 -4.94 -3.09 -0.08
N LEU A 21 -4.65 -1.79 -0.24
CA LEU A 21 -3.36 -1.25 0.16
C LEU A 21 -3.18 -1.36 1.68
N GLN A 22 -4.21 -0.94 2.42
CA GLN A 22 -4.16 -0.99 3.88
C GLN A 22 -3.98 -2.43 4.36
N ILE A 23 -4.56 -3.37 3.61
CA ILE A 23 -4.45 -4.78 3.96
C ILE A 23 -3.04 -5.29 3.70
N HIS A 24 -2.44 -4.80 2.62
CA HIS A 24 -1.09 -5.18 2.26
C HIS A 24 -0.09 -4.67 3.28
N VAL A 25 -0.20 -3.39 3.64
CA VAL A 25 0.70 -2.79 4.62
C VAL A 25 0.43 -3.32 6.02
N MET A 26 -0.82 -3.61 6.31
CA MET A 26 -1.21 -4.13 7.62
C MET A 26 -0.38 -5.36 7.98
N GLU A 27 0.12 -6.06 6.96
CA GLU A 27 0.93 -7.25 7.17
C GLU A 27 2.36 -7.04 6.67
N CYS A 28 2.54 -6.08 5.77
CA CYS A 28 3.86 -5.80 5.21
C CYS A 28 4.75 -5.08 6.22
N ILE A 29 4.31 -3.91 6.66
CA ILE A 29 5.06 -3.12 7.62
C ILE A 29 5.13 -3.81 8.98
N GLU A 30 6.33 -3.89 9.55
CA GLU A 30 6.53 -4.52 10.84
C GLU A 30 7.57 -3.76 11.65
ZN ZN B . 4.38 -3.67 1.08
N SER A 2 2.64 15.10 -8.29
CA SER A 2 1.43 14.33 -7.89
C SER A 2 1.79 12.98 -7.31
N PRO A 3 2.28 12.95 -6.06
CA PRO A 3 2.67 11.71 -5.38
C PRO A 3 1.47 10.84 -5.03
N PRO A 4 1.31 9.68 -5.69
CA PRO A 4 0.20 8.77 -5.43
C PRO A 4 0.10 8.36 -3.96
N ASP A 5 -1.12 8.14 -3.49
CA ASP A 5 -1.34 7.75 -2.10
C ASP A 5 -1.54 6.24 -1.98
N PHE A 6 -1.74 5.57 -3.11
CA PHE A 6 -1.94 4.13 -3.11
C PHE A 6 -0.62 3.40 -3.35
N CYS A 7 0.46 3.89 -2.73
CA CYS A 7 1.78 3.29 -2.89
C CYS A 7 2.37 2.93 -1.53
N CYS A 8 2.65 1.64 -1.34
CA CYS A 8 3.23 1.16 -0.09
C CYS A 8 4.66 1.68 0.06
N PRO A 9 4.91 2.57 1.04
CA PRO A 9 6.25 3.14 1.26
C PRO A 9 7.23 2.15 1.91
N LYS A 10 6.76 0.94 2.19
CA LYS A 10 7.62 -0.07 2.80
C LYS A 10 8.34 -0.90 1.73
N CYS A 11 7.61 -1.31 0.70
CA CYS A 11 8.19 -2.10 -0.38
C CYS A 11 7.89 -1.50 -1.75
N GLN A 12 7.16 -0.37 -1.77
CA GLN A 12 6.81 0.30 -3.01
C GLN A 12 5.72 -0.45 -3.77
N TYR A 13 4.97 -1.28 -3.06
CA TYR A 13 3.90 -2.05 -3.68
C TYR A 13 2.73 -1.14 -4.04
N GLN A 14 1.95 -1.54 -5.04
CA GLN A 14 0.81 -0.77 -5.48
C GLN A 14 -0.48 -1.56 -5.31
N ALA A 15 -1.50 -0.91 -4.74
CA ALA A 15 -2.79 -1.56 -4.52
C ALA A 15 -3.84 -1.03 -5.49
N PRO A 16 -4.80 -1.89 -5.90
CA PRO A 16 -5.86 -1.49 -6.84
C PRO A 16 -6.84 -0.51 -6.21
N ASP A 17 -6.78 -0.37 -4.88
CA ASP A 17 -7.65 0.55 -4.16
C ASP A 17 -7.02 0.95 -2.84
N MET A 18 -7.77 1.63 -2.00
CA MET A 18 -7.27 2.07 -0.70
C MET A 18 -7.43 0.97 0.34
N ASP A 19 -8.45 0.15 0.17
CA ASP A 19 -8.71 -0.95 1.09
C ASP A 19 -7.62 -2.02 0.98
N THR A 20 -7.38 -2.49 -0.23
CA THR A 20 -6.36 -3.51 -0.47
C THR A 20 -5.00 -3.01 -0.02
N LEU A 21 -4.74 -1.73 -0.23
CA LEU A 21 -3.48 -1.12 0.16
C LEU A 21 -3.29 -1.18 1.67
N GLN A 22 -4.35 -0.88 2.41
CA GLN A 22 -4.30 -0.91 3.87
C GLN A 22 -4.08 -2.33 4.38
N ILE A 23 -4.61 -3.30 3.64
CA ILE A 23 -4.46 -4.69 4.02
C ILE A 23 -3.03 -5.16 3.72
N HIS A 24 -2.47 -4.61 2.64
CA HIS A 24 -1.12 -4.96 2.23
C HIS A 24 -0.10 -4.45 3.25
N VAL A 25 -0.25 -3.18 3.65
CA VAL A 25 0.66 -2.58 4.62
C VAL A 25 0.44 -3.16 6.01
N MET A 26 -0.81 -3.45 6.34
CA MET A 26 -1.16 -4.00 7.64
C MET A 26 -0.33 -5.25 7.96
N GLU A 27 0.10 -5.96 6.93
CA GLU A 27 0.89 -7.16 7.12
C GLU A 27 2.27 -7.05 6.48
N CYS A 28 2.38 -6.24 5.43
CA CYS A 28 3.66 -6.05 4.75
C CYS A 28 4.72 -5.55 5.72
N ILE A 29 4.28 -4.95 6.81
CA ILE A 29 5.18 -4.42 7.82
C ILE A 29 5.38 -5.42 8.96
N GLU A 30 6.63 -5.67 9.30
CA GLU A 30 6.95 -6.60 10.39
C GLU A 30 7.51 -5.86 11.60
ZN ZN B . 4.32 -3.37 1.00
N SER A 2 -2.56 15.27 -9.27
CA SER A 2 -3.16 14.09 -8.59
C SER A 2 -2.17 12.93 -8.51
N PRO A 3 -1.24 12.98 -7.54
CA PRO A 3 -0.23 11.93 -7.36
C PRO A 3 -0.84 10.63 -6.84
N PRO A 4 -0.19 9.49 -7.14
CA PRO A 4 -0.68 8.18 -6.69
C PRO A 4 -0.51 7.97 -5.19
N ASP A 5 -1.62 7.69 -4.51
CA ASP A 5 -1.60 7.47 -3.07
C ASP A 5 -1.69 5.98 -2.73
N PHE A 6 -1.76 5.14 -3.76
CA PHE A 6 -1.85 3.70 -3.54
C PHE A 6 -0.47 3.06 -3.62
N CYS A 7 0.50 3.68 -2.96
CA CYS A 7 1.87 3.17 -2.95
C CYS A 7 2.30 2.78 -1.54
N CYS A 8 2.66 1.51 -1.37
CA CYS A 8 3.09 1.01 -0.08
C CYS A 8 4.44 1.62 0.31
N PRO A 9 4.54 2.17 1.53
CA PRO A 9 5.77 2.82 2.01
C PRO A 9 6.79 1.82 2.56
N LYS A 10 6.56 0.53 2.34
CA LYS A 10 7.47 -0.50 2.82
C LYS A 10 8.21 -1.18 1.67
N CYS A 11 7.50 -1.38 0.56
CA CYS A 11 8.08 -2.03 -0.61
C CYS A 11 7.64 -1.34 -1.91
N GLN A 12 7.00 -0.18 -1.78
CA GLN A 12 6.54 0.57 -2.95
C GLN A 12 5.50 -0.23 -3.74
N TYR A 13 4.92 -1.25 -3.11
CA TYR A 13 3.91 -2.07 -3.76
C TYR A 13 2.73 -1.23 -4.23
N GLN A 14 2.18 -1.57 -5.40
CA GLN A 14 1.05 -0.86 -5.95
C GLN A 14 -0.27 -1.48 -5.50
N ALA A 15 -1.29 -0.65 -5.33
CA ALA A 15 -2.59 -1.12 -4.90
C ALA A 15 -3.71 -0.58 -5.80
N PRO A 16 -4.72 -1.42 -6.11
CA PRO A 16 -5.85 -1.00 -6.96
C PRO A 16 -6.83 -0.11 -6.22
N ASP A 17 -6.78 -0.14 -4.90
CA ASP A 17 -7.68 0.67 -4.08
C ASP A 17 -6.99 1.06 -2.77
N MET A 18 -7.76 1.59 -1.83
CA MET A 18 -7.22 2.00 -0.54
C MET A 18 -7.37 0.90 0.49
N ASP A 19 -8.44 0.10 0.36
CA ASP A 19 -8.69 -0.99 1.29
C ASP A 19 -7.63 -2.09 1.15
N THR A 20 -7.43 -2.55 -0.08
CA THR A 20 -6.44 -3.59 -0.33
C THR A 20 -5.04 -3.12 0.08
N LEU A 21 -4.79 -1.84 -0.14
CA LEU A 21 -3.50 -1.25 0.22
C LEU A 21 -3.28 -1.31 1.73
N GLN A 22 -4.30 -0.93 2.49
CA GLN A 22 -4.21 -0.96 3.94
C GLN A 22 -3.98 -2.37 4.45
N ILE A 23 -4.55 -3.34 3.75
CA ILE A 23 -4.39 -4.74 4.11
C ILE A 23 -2.97 -5.20 3.81
N HIS A 24 -2.42 -4.72 2.70
CA HIS A 24 -1.07 -5.06 2.30
C HIS A 24 -0.05 -4.50 3.29
N VAL A 25 -0.21 -3.23 3.63
CA VAL A 25 0.71 -2.57 4.56
C VAL A 25 0.50 -3.08 5.98
N MET A 26 -0.76 -3.37 6.31
CA MET A 26 -1.10 -3.85 7.64
C MET A 26 -0.27 -5.08 8.02
N GLU A 27 0.19 -5.83 7.02
CA GLU A 27 1.00 -7.02 7.26
C GLU A 27 2.37 -6.91 6.61
N CYS A 28 2.47 -6.15 5.53
CA CYS A 28 3.74 -5.97 4.83
C CYS A 28 4.79 -5.41 5.77
N ILE A 29 4.35 -4.73 6.81
CA ILE A 29 5.25 -4.12 7.78
C ILE A 29 5.52 -5.09 8.93
N GLU A 30 6.79 -5.19 9.32
CA GLU A 30 7.18 -6.07 10.41
C GLU A 30 6.83 -5.46 11.76
ZN ZN B . 4.25 -3.53 0.99
N SER A 2 -4.56 13.88 -8.55
CA SER A 2 -4.88 13.69 -7.11
C SER A 2 -3.71 13.06 -6.37
N PRO A 3 -3.52 13.40 -5.08
CA PRO A 3 -2.43 12.86 -4.26
C PRO A 3 -2.41 11.33 -4.27
N PRO A 4 -1.30 10.72 -4.75
CA PRO A 4 -1.17 9.26 -4.81
C PRO A 4 -1.04 8.64 -3.42
N ASP A 5 -2.07 7.91 -3.02
CA ASP A 5 -2.08 7.25 -1.72
C ASP A 5 -2.13 5.73 -1.85
N PHE A 6 -2.04 5.24 -3.08
CA PHE A 6 -2.08 3.80 -3.33
C PHE A 6 -0.67 3.24 -3.49
N CYS A 7 0.24 3.65 -2.60
CA CYS A 7 1.61 3.18 -2.65
C CYS A 7 2.09 2.74 -1.27
N CYS A 8 2.69 1.55 -1.22
CA CYS A 8 3.20 1.01 0.04
C CYS A 8 4.58 1.58 0.35
N PRO A 9 4.75 2.22 1.52
CA PRO A 9 6.03 2.81 1.93
C PRO A 9 7.03 1.78 2.45
N LYS A 10 6.66 0.51 2.39
CA LYS A 10 7.54 -0.56 2.88
C LYS A 10 8.25 -1.25 1.71
N CYS A 11 7.53 -1.46 0.61
CA CYS A 11 8.10 -2.12 -0.56
C CYS A 11 7.68 -1.43 -1.86
N GLN A 12 7.05 -0.26 -1.74
CA GLN A 12 6.62 0.49 -2.91
C GLN A 12 5.52 -0.24 -3.67
N TYR A 13 4.93 -1.25 -3.05
CA TYR A 13 3.86 -2.02 -3.69
C TYR A 13 2.70 -1.12 -4.08
N GLN A 14 1.95 -1.53 -5.10
CA GLN A 14 0.81 -0.76 -5.58
C GLN A 14 -0.48 -1.56 -5.41
N ALA A 15 -1.57 -0.85 -5.15
CA ALA A 15 -2.88 -1.49 -4.97
C ALA A 15 -3.94 -0.82 -5.83
N PRO A 16 -4.92 -1.61 -6.32
CA PRO A 16 -6.00 -1.08 -7.16
C PRO A 16 -6.94 -0.14 -6.39
N ASP A 17 -6.85 -0.18 -5.07
CA ASP A 17 -7.68 0.67 -4.22
C ASP A 17 -6.94 1.04 -2.94
N MET A 18 -7.66 1.57 -1.97
CA MET A 18 -7.06 1.97 -0.70
C MET A 18 -7.23 0.87 0.34
N ASP A 19 -8.31 0.11 0.24
CA ASP A 19 -8.58 -0.97 1.17
C ASP A 19 -7.53 -2.07 1.04
N THR A 20 -7.37 -2.60 -0.16
CA THR A 20 -6.39 -3.65 -0.42
C THR A 20 -5.00 -3.18 -0.05
N LEU A 21 -4.73 -1.90 -0.32
CA LEU A 21 -3.44 -1.31 -0.01
C LEU A 21 -3.20 -1.29 1.50
N GLN A 22 -4.21 -0.84 2.24
CA GLN A 22 -4.11 -0.77 3.69
C GLN A 22 -3.89 -2.15 4.28
N ILE A 23 -4.53 -3.16 3.69
CA ILE A 23 -4.38 -4.53 4.15
C ILE A 23 -2.98 -5.04 3.84
N HIS A 24 -2.42 -4.56 2.73
CA HIS A 24 -1.09 -4.96 2.31
C HIS A 24 -0.03 -4.44 3.30
N VAL A 25 -0.13 -3.17 3.65
CA VAL A 25 0.81 -2.56 4.58
C VAL A 25 0.61 -3.08 6.00
N MET A 26 -0.64 -3.30 6.36
CA MET A 26 -0.98 -3.79 7.70
C MET A 26 -0.20 -5.06 8.04
N GLU A 27 0.22 -5.80 7.01
CA GLU A 27 0.98 -7.03 7.22
C GLU A 27 2.35 -6.96 6.56
N CYS A 28 2.46 -6.17 5.49
CA CYS A 28 3.73 -6.03 4.80
C CYS A 28 4.79 -5.46 5.73
N ILE A 29 4.35 -4.72 6.74
CA ILE A 29 5.25 -4.12 7.70
C ILE A 29 5.55 -5.07 8.85
N GLU A 30 6.81 -5.15 9.23
CA GLU A 30 7.23 -6.01 10.33
C GLU A 30 7.95 -5.22 11.41
ZN ZN B . 4.29 -3.57 0.97
N SER A 2 -5.64 14.17 -4.92
CA SER A 2 -4.42 14.73 -5.56
C SER A 2 -3.19 13.89 -5.22
N PRO A 3 -2.93 13.65 -3.93
CA PRO A 3 -1.78 12.87 -3.48
C PRO A 3 -2.02 11.37 -3.56
N PRO A 4 -1.04 10.60 -4.07
CA PRO A 4 -1.17 9.15 -4.20
C PRO A 4 -1.54 8.48 -2.88
N ASP A 5 -2.47 7.54 -2.94
CA ASP A 5 -2.91 6.82 -1.74
C ASP A 5 -2.85 5.31 -1.94
N PHE A 6 -2.28 4.88 -3.07
CA PHE A 6 -2.16 3.45 -3.37
C PHE A 6 -0.70 3.03 -3.41
N CYS A 7 0.12 3.71 -2.61
CA CYS A 7 1.55 3.40 -2.55
C CYS A 7 1.94 2.86 -1.18
N CYS A 8 2.70 1.78 -1.19
CA CYS A 8 3.17 1.15 0.05
C CYS A 8 4.58 1.64 0.40
N PRO A 9 4.73 2.37 1.52
CA PRO A 9 6.03 2.89 1.94
C PRO A 9 7.03 1.80 2.34
N LYS A 10 6.55 0.56 2.43
CA LYS A 10 7.41 -0.55 2.81
C LYS A 10 8.13 -1.16 1.61
N CYS A 11 7.41 -1.36 0.51
CA CYS A 11 8.01 -1.94 -0.70
C CYS A 11 7.54 -1.23 -1.96
N GLN A 12 6.92 -0.06 -1.81
CA GLN A 12 6.42 0.70 -2.94
C GLN A 12 5.33 -0.06 -3.70
N TYR A 13 4.78 -1.08 -3.06
CA TYR A 13 3.72 -1.88 -3.69
C TYR A 13 2.53 -1.00 -4.06
N GLN A 14 1.93 -1.29 -5.21
CA GLN A 14 0.77 -0.52 -5.68
C GLN A 14 -0.50 -1.36 -5.59
N ALA A 15 -1.35 -1.02 -4.64
CA ALA A 15 -2.61 -1.74 -4.45
C ALA A 15 -3.68 -1.25 -5.43
N PRO A 16 -4.55 -2.16 -5.89
CA PRO A 16 -5.63 -1.82 -6.82
C PRO A 16 -6.67 -0.90 -6.20
N ASP A 17 -6.63 -0.76 -4.89
CA ASP A 17 -7.56 0.10 -4.17
C ASP A 17 -6.96 0.54 -2.84
N MET A 18 -7.39 1.70 -2.36
CA MET A 18 -6.88 2.22 -1.09
C MET A 18 -7.10 1.23 0.05
N ASP A 19 -8.18 0.46 -0.06
CA ASP A 19 -8.50 -0.53 0.96
C ASP A 19 -7.50 -1.68 0.94
N THR A 20 -7.25 -2.22 -0.25
CA THR A 20 -6.31 -3.31 -0.42
C THR A 20 -4.92 -2.91 0.04
N LEU A 21 -4.56 -1.65 -0.22
CA LEU A 21 -3.27 -1.12 0.17
C LEU A 21 -3.12 -1.13 1.70
N GLN A 22 -4.15 -0.65 2.38
CA GLN A 22 -4.14 -0.61 3.85
C GLN A 22 -4.01 -2.01 4.42
N ILE A 23 -4.59 -2.98 3.73
CA ILE A 23 -4.52 -4.37 4.16
C ILE A 23 -3.15 -4.93 3.85
N HIS A 24 -2.58 -4.49 2.73
CA HIS A 24 -1.26 -4.92 2.31
C HIS A 24 -0.19 -4.42 3.27
N VAL A 25 -0.26 -3.12 3.60
CA VAL A 25 0.70 -2.52 4.51
C VAL A 25 0.53 -3.05 5.92
N MET A 26 -0.71 -3.29 6.32
CA MET A 26 -1.00 -3.79 7.65
C MET A 26 -0.22 -5.06 7.96
N GLU A 27 0.14 -5.81 6.92
CA GLU A 27 0.88 -7.06 7.09
C GLU A 27 2.23 -7.01 6.37
N CYS A 28 2.38 -6.10 5.42
CA CYS A 28 3.63 -5.98 4.67
C CYS A 28 4.80 -5.69 5.61
N ILE A 29 4.49 -5.22 6.82
CA ILE A 29 5.54 -4.92 7.79
C ILE A 29 5.93 -6.17 8.57
N GLU A 30 7.24 -6.35 8.76
CA GLU A 30 7.75 -7.50 9.49
C GLU A 30 8.40 -7.07 10.80
ZN ZN B . 4.16 -3.47 0.81
N SER A 2 -0.50 16.34 -6.99
CA SER A 2 0.64 15.57 -6.42
C SER A 2 0.50 14.07 -6.68
N PRO A 3 1.57 13.30 -6.45
CA PRO A 3 1.56 11.85 -6.67
C PRO A 3 0.39 11.17 -5.95
N PRO A 4 0.07 9.93 -6.35
CA PRO A 4 -1.04 9.18 -5.74
C PRO A 4 -0.73 8.74 -4.30
N ASP A 5 -1.69 8.09 -3.67
CA ASP A 5 -1.51 7.63 -2.29
C ASP A 5 -1.65 6.11 -2.19
N PHE A 6 -1.77 5.44 -3.33
CA PHE A 6 -1.91 3.99 -3.36
C PHE A 6 -0.55 3.32 -3.55
N CYS A 7 0.44 3.78 -2.78
CA CYS A 7 1.78 3.22 -2.87
C CYS A 7 2.30 2.83 -1.49
N CYS A 8 2.65 1.55 -1.33
CA CYS A 8 3.16 1.04 -0.06
C CYS A 8 4.53 1.65 0.24
N PRO A 9 4.70 2.28 1.42
CA PRO A 9 5.96 2.91 1.82
C PRO A 9 6.98 1.92 2.36
N LYS A 10 6.67 0.63 2.29
CA LYS A 10 7.57 -0.40 2.79
C LYS A 10 8.26 -1.13 1.63
N CYS A 11 7.53 -1.35 0.55
CA CYS A 11 8.09 -2.03 -0.62
C CYS A 11 7.66 -1.36 -1.92
N GLN A 12 7.04 -0.19 -1.83
CA GLN A 12 6.59 0.55 -3.01
C GLN A 12 5.48 -0.21 -3.74
N TYR A 13 4.91 -1.21 -3.09
CA TYR A 13 3.83 -2.00 -3.70
C TYR A 13 2.63 -1.10 -4.02
N GLN A 14 1.95 -1.42 -5.12
CA GLN A 14 0.78 -0.65 -5.54
C GLN A 14 -0.49 -1.48 -5.43
N ALA A 15 -1.55 -0.86 -4.90
CA ALA A 15 -2.82 -1.55 -4.73
C ALA A 15 -3.89 -0.97 -5.66
N PRO A 16 -4.86 -1.79 -6.09
CA PRO A 16 -5.94 -1.35 -6.98
C PRO A 16 -6.87 -0.35 -6.30
N ASP A 17 -6.78 -0.26 -4.97
CA ASP A 17 -7.62 0.66 -4.21
C ASP A 17 -6.95 1.00 -2.89
N MET A 18 -7.69 1.65 -1.99
CA MET A 18 -7.15 2.03 -0.70
C MET A 18 -7.32 0.90 0.32
N ASP A 19 -8.37 0.11 0.16
CA ASP A 19 -8.65 -1.00 1.05
C ASP A 19 -7.56 -2.06 0.93
N THR A 20 -7.36 -2.56 -0.28
CA THR A 20 -6.35 -3.59 -0.53
C THR A 20 -4.97 -3.09 -0.11
N LEU A 21 -4.72 -1.80 -0.33
CA LEU A 21 -3.44 -1.20 0.03
C LEU A 21 -3.26 -1.20 1.55
N GLN A 22 -4.32 -0.83 2.27
CA GLN A 22 -4.26 -0.80 3.73
C GLN A 22 -4.08 -2.20 4.31
N ILE A 23 -4.61 -3.20 3.61
CA ILE A 23 -4.49 -4.58 4.05
C ILE A 23 -3.07 -5.07 3.81
N HIS A 24 -2.47 -4.62 2.73
CA HIS A 24 -1.11 -5.01 2.36
C HIS A 24 -0.11 -4.46 3.37
N VAL A 25 -0.24 -3.17 3.69
CA VAL A 25 0.66 -2.53 4.64
C VAL A 25 0.45 -3.04 6.06
N MET A 26 -0.79 -3.39 6.37
CA MET A 26 -1.14 -3.89 7.70
C MET A 26 -0.27 -5.07 8.10
N GLU A 27 0.18 -5.86 7.11
CA GLU A 27 1.01 -7.03 7.39
C GLU A 27 2.37 -6.93 6.69
N CYS A 28 2.46 -6.10 5.65
CA CYS A 28 3.71 -5.94 4.91
C CYS A 28 4.86 -5.59 5.85
N ILE A 29 4.54 -5.01 7.00
CA ILE A 29 5.56 -4.63 7.97
C ILE A 29 6.00 -5.83 8.81
N GLU A 30 7.31 -6.08 8.83
CA GLU A 30 7.86 -7.19 9.58
C GLU A 30 8.71 -6.69 10.74
ZN ZN B . 4.31 -3.47 1.02
N SER A 2 0.21 16.48 -6.14
CA SER A 2 -0.48 15.55 -5.20
C SER A 2 0.11 14.15 -5.30
N PRO A 3 1.15 13.85 -4.51
CA PRO A 3 1.80 12.54 -4.51
C PRO A 3 0.79 11.40 -4.33
N PRO A 4 0.96 10.29 -5.07
CA PRO A 4 0.05 9.14 -4.98
C PRO A 4 -0.08 8.62 -3.55
N ASP A 5 -1.26 8.09 -3.23
CA ASP A 5 -1.51 7.56 -1.90
C ASP A 5 -1.75 6.05 -1.93
N PHE A 6 -1.86 5.49 -3.13
CA PHE A 6 -2.09 4.06 -3.29
C PHE A 6 -0.77 3.32 -3.49
N CYS A 7 0.24 3.70 -2.71
CA CYS A 7 1.55 3.07 -2.81
C CYS A 7 2.07 2.67 -1.42
N CYS A 8 2.54 1.42 -1.32
CA CYS A 8 3.06 0.91 -0.06
C CYS A 8 4.44 1.52 0.24
N PRO A 9 4.54 2.33 1.32
CA PRO A 9 5.81 2.97 1.70
C PRO A 9 6.87 1.99 2.18
N LYS A 10 6.49 0.72 2.33
CA LYS A 10 7.43 -0.30 2.79
C LYS A 10 8.19 -0.94 1.63
N CYS A 11 7.48 -1.28 0.56
CA CYS A 11 8.12 -1.90 -0.60
C CYS A 11 7.65 -1.28 -1.92
N GLN A 12 6.95 -0.14 -1.82
CA GLN A 12 6.45 0.55 -3.00
C GLN A 12 5.40 -0.27 -3.74
N TYR A 13 4.88 -1.31 -3.09
CA TYR A 13 3.86 -2.16 -3.69
C TYR A 13 2.64 -1.34 -4.08
N GLN A 14 2.12 -1.58 -5.29
CA GLN A 14 0.95 -0.86 -5.77
C GLN A 14 -0.33 -1.61 -5.42
N ALA A 15 -1.40 -0.87 -5.17
CA ALA A 15 -2.68 -1.47 -4.83
C ALA A 15 -3.80 -0.91 -5.70
N PRO A 16 -4.79 -1.75 -6.07
CA PRO A 16 -5.92 -1.33 -6.90
C PRO A 16 -6.84 -0.35 -6.18
N ASP A 17 -6.67 -0.24 -4.87
CA ASP A 17 -7.48 0.66 -4.06
C ASP A 17 -6.80 0.93 -2.73
N MET A 18 -7.40 1.80 -1.93
CA MET A 18 -6.84 2.13 -0.62
C MET A 18 -7.08 1.00 0.37
N ASP A 19 -8.16 0.26 0.18
CA ASP A 19 -8.49 -0.85 1.06
C ASP A 19 -7.45 -1.96 0.95
N THR A 20 -7.22 -2.44 -0.26
CA THR A 20 -6.23 -3.49 -0.50
C THR A 20 -4.85 -3.04 -0.04
N LEU A 21 -4.57 -1.75 -0.24
CA LEU A 21 -3.28 -1.19 0.16
C LEU A 21 -3.12 -1.23 1.68
N GLN A 22 -4.18 -0.83 2.39
CA GLN A 22 -4.16 -0.82 3.84
C GLN A 22 -4.00 -2.25 4.39
N ILE A 23 -4.55 -3.21 3.66
CA ILE A 23 -4.46 -4.60 4.06
C ILE A 23 -3.06 -5.13 3.80
N HIS A 24 -2.46 -4.65 2.71
CA HIS A 24 -1.12 -5.06 2.34
C HIS A 24 -0.09 -4.54 3.35
N VAL A 25 -0.20 -3.26 3.68
CA VAL A 25 0.72 -2.63 4.63
C VAL A 25 0.49 -3.17 6.05
N MET A 26 -0.76 -3.46 6.37
CA MET A 26 -1.11 -3.96 7.69
C MET A 26 -0.28 -5.19 8.06
N GLU A 27 0.15 -5.94 7.05
CA GLU A 27 0.95 -7.14 7.29
C GLU A 27 2.31 -7.05 6.61
N CYS A 28 2.40 -6.29 5.53
CA CYS A 28 3.66 -6.12 4.81
C CYS A 28 4.73 -5.54 5.74
N ILE A 29 4.28 -4.85 6.78
CA ILE A 29 5.20 -4.24 7.73
C ILE A 29 5.47 -5.17 8.90
N GLU A 30 6.74 -5.27 9.30
CA GLU A 30 7.13 -6.13 10.40
C GLU A 30 8.16 -5.44 11.29
ZN ZN B . 4.39 -3.60 0.86
N SER A 2 -7.60 13.12 -4.20
CA SER A 2 -6.86 13.87 -5.25
C SER A 2 -5.42 13.35 -5.38
N PRO A 3 -4.68 13.30 -4.26
CA PRO A 3 -3.29 12.82 -4.26
C PRO A 3 -3.19 11.31 -4.23
N PRO A 4 -2.08 10.74 -4.73
CA PRO A 4 -1.87 9.30 -4.77
C PRO A 4 -1.64 8.71 -3.38
N ASP A 5 -2.48 7.76 -2.99
CA ASP A 5 -2.36 7.12 -1.68
C ASP A 5 -2.35 5.60 -1.81
N PHE A 6 -2.29 5.10 -3.04
CA PHE A 6 -2.28 3.66 -3.28
C PHE A 6 -0.84 3.15 -3.43
N CYS A 7 0.03 3.58 -2.52
CA CYS A 7 1.43 3.18 -2.56
C CYS A 7 1.89 2.66 -1.20
N CYS A 8 2.58 1.52 -1.21
CA CYS A 8 3.08 0.92 0.02
C CYS A 8 4.46 1.48 0.37
N PRO A 9 4.58 2.12 1.55
CA PRO A 9 5.85 2.71 1.99
C PRO A 9 6.87 1.66 2.48
N LYS A 10 6.47 0.39 2.46
CA LYS A 10 7.36 -0.68 2.89
C LYS A 10 8.14 -1.27 1.73
N CYS A 11 7.46 -1.49 0.60
CA CYS A 11 8.11 -2.05 -0.57
C CYS A 11 7.68 -1.33 -1.85
N GLN A 12 7.00 -0.19 -1.70
CA GLN A 12 6.55 0.58 -2.85
C GLN A 12 5.44 -0.14 -3.62
N TYR A 13 4.90 -1.21 -3.02
CA TYR A 13 3.83 -1.97 -3.67
C TYR A 13 2.63 -1.07 -3.98
N GLN A 14 1.96 -1.35 -5.09
CA GLN A 14 0.80 -0.58 -5.50
C GLN A 14 -0.46 -1.44 -5.48
N ALA A 15 -1.53 -0.90 -4.92
CA ALA A 15 -2.80 -1.63 -4.85
C ALA A 15 -3.87 -0.96 -5.70
N PRO A 16 -4.80 -1.75 -6.26
CA PRO A 16 -5.89 -1.23 -7.10
C PRO A 16 -6.87 -0.36 -6.31
N ASP A 17 -6.78 -0.43 -4.98
CA ASP A 17 -7.66 0.33 -4.11
C ASP A 17 -6.97 0.62 -2.78
N MET A 18 -7.29 1.76 -2.18
CA MET A 18 -6.70 2.14 -0.90
C MET A 18 -6.97 1.08 0.16
N ASP A 19 -8.09 0.38 0.02
CA ASP A 19 -8.46 -0.66 0.97
C ASP A 19 -7.47 -1.81 0.94
N THR A 20 -7.28 -2.38 -0.25
CA THR A 20 -6.34 -3.50 -0.42
C THR A 20 -4.94 -3.09 -0.01
N LEU A 21 -4.59 -1.84 -0.30
CA LEU A 21 -3.27 -1.33 0.04
C LEU A 21 -3.11 -1.25 1.55
N GLN A 22 -4.14 -0.79 2.23
CA GLN A 22 -4.11 -0.67 3.69
C GLN A 22 -3.97 -2.04 4.32
N ILE A 23 -4.53 -3.05 3.67
CA ILE A 23 -4.45 -4.42 4.16
C ILE A 23 -3.08 -4.99 3.87
N HIS A 24 -2.51 -4.59 2.74
CA HIS A 24 -1.19 -5.05 2.33
C HIS A 24 -0.12 -4.49 3.27
N VAL A 25 -0.22 -3.20 3.58
CA VAL A 25 0.75 -2.56 4.47
C VAL A 25 0.60 -3.04 5.90
N MET A 26 -0.65 -3.27 6.31
CA MET A 26 -0.93 -3.72 7.67
C MET A 26 -0.13 -4.98 8.01
N GLU A 27 0.26 -5.74 7.00
CA GLU A 27 1.02 -6.96 7.21
C GLU A 27 2.39 -6.90 6.52
N CYS A 28 2.48 -6.13 5.44
CA CYS A 28 3.73 -5.99 4.71
C CYS A 28 4.85 -5.51 5.62
N ILE A 29 4.48 -4.81 6.70
CA ILE A 29 5.46 -4.30 7.63
C ILE A 29 5.87 -5.37 8.64
N GLU A 30 7.16 -5.67 8.68
CA GLU A 30 7.68 -6.68 9.61
C GLU A 30 8.15 -6.04 10.90
ZN ZN B . 4.22 -3.69 0.72
N SER A 2 6.22 12.85 -8.99
CA SER A 2 5.60 12.58 -7.66
C SER A 2 4.93 11.20 -7.64
N PRO A 3 5.28 10.34 -6.66
CA PRO A 3 4.69 9.01 -6.54
C PRO A 3 3.24 9.04 -6.09
N PRO A 4 2.47 8.00 -6.41
CA PRO A 4 1.04 7.91 -6.03
C PRO A 4 0.86 7.71 -4.53
N ASP A 5 -0.32 8.06 -4.02
CA ASP A 5 -0.62 7.92 -2.61
C ASP A 5 -1.00 6.48 -2.27
N PHE A 6 -1.31 5.68 -3.28
CA PHE A 6 -1.68 4.28 -3.08
C PHE A 6 -0.46 3.37 -3.21
N CYS A 7 0.68 3.83 -2.70
CA CYS A 7 1.91 3.05 -2.76
C CYS A 7 2.34 2.59 -1.37
N CYS A 8 2.65 1.31 -1.24
CA CYS A 8 3.09 0.74 0.03
C CYS A 8 4.46 1.29 0.41
N PRO A 9 4.56 1.99 1.55
CA PRO A 9 5.84 2.57 2.02
C PRO A 9 6.89 1.51 2.33
N LYS A 10 6.46 0.26 2.43
CA LYS A 10 7.38 -0.84 2.74
C LYS A 10 8.10 -1.36 1.49
N CYS A 11 7.37 -1.56 0.40
CA CYS A 11 7.97 -2.06 -0.83
C CYS A 11 7.46 -1.33 -2.06
N GLN A 12 6.82 -0.19 -1.87
CA GLN A 12 6.29 0.61 -2.97
C GLN A 12 5.22 -0.16 -3.74
N TYR A 13 4.71 -1.23 -3.13
CA TYR A 13 3.67 -2.04 -3.77
C TYR A 13 2.45 -1.20 -4.11
N GLN A 14 2.00 -1.30 -5.35
CA GLN A 14 0.84 -0.55 -5.82
C GLN A 14 -0.45 -1.37 -5.66
N ALA A 15 -1.50 -0.73 -5.17
CA ALA A 15 -2.78 -1.40 -4.98
C ALA A 15 -3.88 -0.73 -5.78
N PRO A 16 -4.86 -1.51 -6.28
CA PRO A 16 -5.98 -0.98 -7.06
C PRO A 16 -6.92 -0.11 -6.23
N ASP A 17 -6.76 -0.18 -4.91
CA ASP A 17 -7.59 0.60 -4.00
C ASP A 17 -6.88 0.78 -2.66
N MET A 18 -7.36 1.72 -1.86
CA MET A 18 -6.76 1.98 -0.56
C MET A 18 -7.03 0.83 0.40
N ASP A 19 -8.16 0.15 0.22
CA ASP A 19 -8.53 -0.97 1.07
C ASP A 19 -7.51 -2.09 0.96
N THR A 20 -7.28 -2.57 -0.27
CA THR A 20 -6.32 -3.63 -0.51
C THR A 20 -4.93 -3.20 -0.07
N LEU A 21 -4.61 -1.94 -0.29
CA LEU A 21 -3.33 -1.38 0.10
C LEU A 21 -3.16 -1.40 1.61
N GLN A 22 -4.22 -0.99 2.32
CA GLN A 22 -4.19 -0.95 3.77
C GLN A 22 -4.03 -2.36 4.34
N ILE A 23 -4.61 -3.33 3.66
CA ILE A 23 -4.51 -4.72 4.09
C ILE A 23 -3.11 -5.26 3.82
N HIS A 24 -2.54 -4.83 2.70
CA HIS A 24 -1.20 -5.24 2.31
C HIS A 24 -0.16 -4.69 3.28
N VAL A 25 -0.26 -3.40 3.58
CA VAL A 25 0.69 -2.76 4.50
C VAL A 25 0.49 -3.27 5.93
N MET A 26 -0.75 -3.54 6.28
CA MET A 26 -1.07 -4.04 7.63
C MET A 26 -0.22 -5.25 7.98
N GLU A 27 0.22 -5.99 6.96
CA GLU A 27 1.03 -7.18 7.17
C GLU A 27 2.44 -6.99 6.62
N CYS A 28 2.64 -5.97 5.79
CA CYS A 28 3.94 -5.70 5.19
C CYS A 28 4.86 -5.03 6.21
N ILE A 29 4.41 -3.92 6.76
CA ILE A 29 5.18 -3.18 7.74
C ILE A 29 5.33 -3.95 9.05
N GLU A 30 6.57 -4.05 9.53
CA GLU A 30 6.85 -4.77 10.77
C GLU A 30 6.72 -3.83 11.98
ZN ZN B . 4.23 -3.82 0.92
N SER A 2 -2.10 15.26 -9.13
CA SER A 2 -2.82 14.68 -7.97
C SER A 2 -2.00 13.59 -7.29
N PRO A 3 -1.20 13.95 -6.27
CA PRO A 3 -0.36 12.99 -5.55
C PRO A 3 -1.14 11.75 -5.10
N PRO A 4 -0.86 10.58 -5.69
CA PRO A 4 -1.55 9.33 -5.35
C PRO A 4 -1.21 8.86 -3.94
N ASP A 5 -2.04 7.98 -3.40
CA ASP A 5 -1.83 7.45 -2.05
C ASP A 5 -1.90 5.93 -2.03
N PHE A 6 -1.99 5.32 -3.22
CA PHE A 6 -2.06 3.87 -3.32
C PHE A 6 -0.66 3.26 -3.47
N CYS A 7 0.26 3.69 -2.62
CA CYS A 7 1.62 3.20 -2.66
C CYS A 7 2.09 2.75 -1.29
N CYS A 8 2.68 1.56 -1.23
CA CYS A 8 3.18 1.00 0.03
C CYS A 8 4.57 1.57 0.35
N PRO A 9 4.69 2.36 1.44
CA PRO A 9 5.97 2.96 1.84
C PRO A 9 6.99 1.94 2.31
N LYS A 10 6.59 0.67 2.44
CA LYS A 10 7.48 -0.38 2.90
C LYS A 10 8.22 -1.04 1.72
N CYS A 11 7.50 -1.35 0.66
CA CYS A 11 8.10 -2.00 -0.50
C CYS A 11 7.68 -1.33 -1.81
N GLN A 12 7.03 -0.17 -1.71
CA GLN A 12 6.58 0.57 -2.88
C GLN A 12 5.50 -0.20 -3.65
N TYR A 13 4.93 -1.22 -3.03
CA TYR A 13 3.89 -2.02 -3.65
C TYR A 13 2.67 -1.15 -3.98
N GLN A 14 1.97 -1.50 -5.06
CA GLN A 14 0.79 -0.75 -5.47
C GLN A 14 -0.47 -1.60 -5.29
N ALA A 15 -1.57 -0.93 -4.97
CA ALA A 15 -2.84 -1.61 -4.77
C ALA A 15 -3.93 -1.05 -5.69
N PRO A 16 -4.87 -1.90 -6.14
CA PRO A 16 -5.97 -1.48 -7.01
C PRO A 16 -6.95 -0.54 -6.31
N ASP A 17 -6.85 -0.47 -4.99
CA ASP A 17 -7.72 0.38 -4.19
C ASP A 17 -7.01 0.80 -2.91
N MET A 18 -7.66 1.66 -2.14
CA MET A 18 -7.07 2.14 -0.89
C MET A 18 -7.23 1.09 0.21
N ASP A 19 -8.29 0.29 0.14
CA ASP A 19 -8.55 -0.75 1.13
C ASP A 19 -7.51 -1.86 1.01
N THR A 20 -7.34 -2.38 -0.20
CA THR A 20 -6.39 -3.46 -0.44
C THR A 20 -4.98 -3.01 -0.07
N LEU A 21 -4.68 -1.74 -0.33
CA LEU A 21 -3.37 -1.19 -0.01
C LEU A 21 -3.14 -1.18 1.49
N GLN A 22 -4.14 -0.72 2.24
CA GLN A 22 -4.04 -0.67 3.70
C GLN A 22 -3.85 -2.07 4.27
N ILE A 23 -4.53 -3.04 3.69
CA ILE A 23 -4.41 -4.43 4.14
C ILE A 23 -3.03 -4.97 3.83
N HIS A 24 -2.45 -4.50 2.73
CA HIS A 24 -1.12 -4.94 2.31
C HIS A 24 -0.07 -4.45 3.31
N VAL A 25 -0.14 -3.18 3.67
CA VAL A 25 0.81 -2.58 4.60
C VAL A 25 0.63 -3.15 6.00
N MET A 26 -0.63 -3.35 6.39
CA MET A 26 -0.95 -3.87 7.72
C MET A 26 -0.20 -5.16 8.02
N GLU A 27 0.19 -5.88 6.97
CA GLU A 27 0.91 -7.14 7.14
C GLU A 27 2.28 -7.09 6.47
N CYS A 28 2.41 -6.28 5.43
CA CYS A 28 3.67 -6.15 4.72
C CYS A 28 4.78 -5.68 5.64
N ILE A 29 4.39 -4.97 6.71
CA ILE A 29 5.35 -4.47 7.66
C ILE A 29 5.72 -5.52 8.69
N GLU A 30 7.02 -5.66 8.95
CA GLU A 30 7.51 -6.64 9.91
C GLU A 30 7.65 -6.01 11.30
ZN ZN B . 4.32 -3.56 0.92
N SER A 2 -1.84 15.45 -8.88
CA SER A 2 -1.69 15.07 -7.45
C SER A 2 -0.86 13.79 -7.31
N PRO A 3 -0.10 13.67 -6.21
CA PRO A 3 0.75 12.50 -5.95
C PRO A 3 -0.07 11.27 -5.59
N PRO A 4 0.44 10.06 -5.91
CA PRO A 4 -0.24 8.80 -5.61
C PRO A 4 -0.23 8.46 -4.13
N ASP A 5 -1.37 8.01 -3.62
CA ASP A 5 -1.48 7.66 -2.21
C ASP A 5 -1.63 6.15 -2.02
N PHE A 6 -1.77 5.42 -3.13
CA PHE A 6 -1.90 3.97 -3.08
C PHE A 6 -0.55 3.29 -3.27
N CYS A 7 0.47 3.82 -2.60
CA CYS A 7 1.82 3.27 -2.70
C CYS A 7 2.32 2.81 -1.33
N CYS A 8 2.64 1.53 -1.23
CA CYS A 8 3.13 0.96 0.01
C CYS A 8 4.51 1.51 0.36
N PRO A 9 4.67 2.18 1.51
CA PRO A 9 5.94 2.75 1.94
C PRO A 9 6.94 1.70 2.44
N LYS A 10 6.53 0.44 2.43
CA LYS A 10 7.39 -0.63 2.90
C LYS A 10 8.12 -1.30 1.74
N CYS A 11 7.42 -1.49 0.62
CA CYS A 11 8.03 -2.12 -0.55
C CYS A 11 7.61 -1.42 -1.84
N GLN A 12 6.99 -0.25 -1.72
CA GLN A 12 6.54 0.51 -2.89
C GLN A 12 5.46 -0.24 -3.67
N TYR A 13 4.87 -1.26 -3.04
CA TYR A 13 3.81 -2.03 -3.68
C TYR A 13 2.64 -1.13 -4.05
N GLN A 14 1.89 -1.54 -5.08
CA GLN A 14 0.74 -0.77 -5.54
C GLN A 14 -0.55 -1.58 -5.41
N ALA A 15 -1.65 -0.90 -5.11
CA ALA A 15 -2.94 -1.56 -4.96
C ALA A 15 -4.01 -0.87 -5.81
N PRO A 16 -4.98 -1.65 -6.32
CA PRO A 16 -6.06 -1.11 -7.16
C PRO A 16 -6.98 -0.16 -6.37
N ASP A 17 -6.86 -0.18 -5.05
CA ASP A 17 -7.67 0.67 -4.20
C ASP A 17 -6.93 0.96 -2.89
N MET A 18 -7.62 1.61 -1.96
CA MET A 18 -7.02 1.94 -0.67
C MET A 18 -7.21 0.81 0.33
N ASP A 19 -8.30 0.06 0.18
CA ASP A 19 -8.59 -1.05 1.07
C ASP A 19 -7.53 -2.13 0.94
N THR A 20 -7.31 -2.61 -0.28
CA THR A 20 -6.31 -3.65 -0.52
C THR A 20 -4.93 -3.16 -0.13
N LEU A 21 -4.67 -1.87 -0.37
CA LEU A 21 -3.39 -1.28 -0.04
C LEU A 21 -3.20 -1.21 1.47
N GLN A 22 -4.27 -0.85 2.18
CA GLN A 22 -4.22 -0.75 3.64
C GLN A 22 -4.04 -2.13 4.26
N ILE A 23 -4.56 -3.15 3.59
CA ILE A 23 -4.44 -4.51 4.09
C ILE A 23 -3.05 -5.04 3.82
N HIS A 24 -2.47 -4.62 2.69
CA HIS A 24 -1.14 -5.05 2.30
C HIS A 24 -0.08 -4.49 3.26
N VAL A 25 -0.24 -3.22 3.63
CA VAL A 25 0.71 -2.57 4.52
C VAL A 25 0.57 -3.05 5.96
N MET A 26 -0.65 -3.30 6.39
CA MET A 26 -0.91 -3.76 7.75
C MET A 26 -0.08 -4.99 8.11
N GLU A 27 0.31 -5.76 7.08
CA GLU A 27 1.10 -6.97 7.30
C GLU A 27 2.46 -6.88 6.62
N CYS A 28 2.54 -6.10 5.54
CA CYS A 28 3.80 -5.95 4.82
C CYS A 28 4.90 -5.41 5.74
N ILE A 29 4.48 -4.68 6.77
CA ILE A 29 5.42 -4.11 7.72
C ILE A 29 5.82 -5.13 8.78
N GLU A 30 7.13 -5.32 8.94
CA GLU A 30 7.66 -6.27 9.92
C GLU A 30 8.57 -5.57 10.91
ZN ZN B . 4.22 -3.62 0.92
N SER A 2 4.84 10.58 -11.35
CA SER A 2 4.82 9.97 -9.99
C SER A 2 3.60 9.08 -9.82
N PRO A 3 3.72 8.00 -9.02
CA PRO A 3 2.62 7.06 -8.78
C PRO A 3 1.54 7.66 -7.87
N PRO A 4 0.29 7.18 -8.00
CA PRO A 4 -0.83 7.67 -7.18
C PRO A 4 -0.55 7.53 -5.69
N ASP A 5 -1.59 7.67 -4.88
CA ASP A 5 -1.46 7.56 -3.44
C ASP A 5 -1.62 6.12 -2.96
N PHE A 6 -1.73 5.19 -3.91
CA PHE A 6 -1.87 3.78 -3.59
C PHE A 6 -0.53 3.06 -3.66
N CYS A 7 0.50 3.68 -3.09
CA CYS A 7 1.84 3.11 -3.09
C CYS A 7 2.28 2.75 -1.67
N CYS A 8 2.63 1.48 -1.47
CA CYS A 8 3.07 1.00 -0.17
C CYS A 8 4.44 1.61 0.18
N PRO A 9 4.54 2.29 1.35
CA PRO A 9 5.79 2.93 1.78
C PRO A 9 6.80 1.95 2.37
N LYS A 10 6.48 0.66 2.31
CA LYS A 10 7.37 -0.37 2.85
C LYS A 10 8.12 -1.09 1.73
N CYS A 11 7.44 -1.34 0.62
CA CYS A 11 8.05 -2.02 -0.52
C CYS A 11 7.62 -1.39 -1.85
N GLN A 12 6.98 -0.21 -1.79
CA GLN A 12 6.54 0.48 -3.00
C GLN A 12 5.49 -0.33 -3.76
N TYR A 13 4.91 -1.33 -3.09
CA TYR A 13 3.88 -2.17 -3.72
C TYR A 13 2.71 -1.31 -4.19
N GLN A 14 2.23 -1.59 -5.40
CA GLN A 14 1.11 -0.85 -5.96
C GLN A 14 -0.22 -1.45 -5.51
N ALA A 15 -1.23 -0.61 -5.34
CA ALA A 15 -2.54 -1.05 -4.90
C ALA A 15 -3.65 -0.47 -5.79
N PRO A 16 -4.68 -1.28 -6.10
CA PRO A 16 -5.80 -0.84 -6.94
C PRO A 16 -6.75 0.08 -6.19
N ASP A 17 -6.72 0.02 -4.86
CA ASP A 17 -7.58 0.85 -4.03
C ASP A 17 -6.90 1.17 -2.70
N MET A 18 -7.68 1.63 -1.73
CA MET A 18 -7.14 1.97 -0.42
C MET A 18 -7.33 0.83 0.56
N ASP A 19 -8.38 0.04 0.37
CA ASP A 19 -8.67 -1.09 1.24
C ASP A 19 -7.60 -2.16 1.12
N THR A 20 -7.39 -2.64 -0.11
CA THR A 20 -6.37 -3.66 -0.37
C THR A 20 -5.01 -3.17 0.09
N LEU A 21 -4.75 -1.89 -0.11
CA LEU A 21 -3.47 -1.30 0.29
C LEU A 21 -3.29 -1.37 1.80
N GLN A 22 -4.34 -1.01 2.53
CA GLN A 22 -4.30 -1.04 3.99
C GLN A 22 -4.04 -2.45 4.49
N ILE A 23 -4.59 -3.43 3.78
CA ILE A 23 -4.40 -4.83 4.14
C ILE A 23 -2.98 -5.27 3.83
N HIS A 24 -2.45 -4.76 2.73
CA HIS A 24 -1.09 -5.09 2.32
C HIS A 24 -0.07 -4.51 3.31
N VAL A 25 -0.25 -3.24 3.67
CA VAL A 25 0.65 -2.58 4.60
C VAL A 25 0.46 -3.10 6.02
N MET A 26 -0.80 -3.41 6.35
CA MET A 26 -1.13 -3.91 7.68
C MET A 26 -0.28 -5.12 8.04
N GLU A 27 0.18 -5.86 7.04
CA GLU A 27 1.00 -7.05 7.27
C GLU A 27 2.37 -6.92 6.61
N CYS A 28 2.46 -6.14 5.54
CA CYS A 28 3.73 -5.95 4.85
C CYS A 28 4.78 -5.39 5.81
N ILE A 29 4.32 -4.70 6.84
CA ILE A 29 5.22 -4.12 7.82
C ILE A 29 5.53 -5.10 8.94
N GLU A 30 6.80 -5.17 9.31
CA GLU A 30 7.23 -6.07 10.39
C GLU A 30 8.13 -5.34 11.38
ZN ZN B . 4.20 -3.51 1.02
N SER A 2 -2.68 5.87 -12.77
CA SER A 2 -1.68 6.04 -11.68
C SER A 2 -2.27 6.78 -10.49
N PRO A 3 -3.10 6.09 -9.68
CA PRO A 3 -3.72 6.69 -8.50
C PRO A 3 -2.71 6.97 -7.38
N PRO A 4 -2.40 8.25 -7.12
CA PRO A 4 -1.45 8.64 -6.07
C PRO A 4 -1.96 8.32 -4.68
N ASP A 5 -1.03 8.08 -3.75
CA ASP A 5 -1.37 7.76 -2.37
C ASP A 5 -1.83 6.31 -2.23
N PHE A 6 -1.76 5.55 -3.31
CA PHE A 6 -2.15 4.14 -3.30
C PHE A 6 -0.93 3.23 -3.39
N CYS A 7 0.21 3.72 -2.91
CA CYS A 7 1.44 2.96 -2.95
C CYS A 7 1.94 2.63 -1.54
N CYS A 8 2.53 1.45 -1.40
CA CYS A 8 3.05 1.01 -0.11
C CYS A 8 4.39 1.69 0.20
N PRO A 9 4.51 2.31 1.39
CA PRO A 9 5.74 3.00 1.79
C PRO A 9 6.79 2.06 2.37
N LYS A 10 6.57 0.75 2.26
CA LYS A 10 7.51 -0.23 2.78
C LYS A 10 8.24 -0.95 1.65
N CYS A 11 7.51 -1.23 0.57
CA CYS A 11 8.10 -1.93 -0.58
C CYS A 11 7.64 -1.32 -1.91
N GLN A 12 7.01 -0.15 -1.83
CA GLN A 12 6.53 0.53 -3.03
C GLN A 12 5.47 -0.29 -3.76
N TYR A 13 4.91 -1.28 -3.08
CA TYR A 13 3.89 -2.14 -3.67
C TYR A 13 2.69 -1.31 -4.13
N GLN A 14 2.19 -1.63 -5.32
CA GLN A 14 1.04 -0.91 -5.89
C GLN A 14 -0.26 -1.56 -5.46
N ALA A 15 -1.30 -0.75 -5.27
CA ALA A 15 -2.60 -1.25 -4.86
C ALA A 15 -3.71 -0.74 -5.77
N PRO A 16 -4.67 -1.61 -6.15
CA PRO A 16 -5.79 -1.23 -7.01
C PRO A 16 -6.84 -0.39 -6.28
N ASP A 17 -6.75 -0.38 -4.95
CA ASP A 17 -7.68 0.39 -4.13
C ASP A 17 -7.02 0.79 -2.82
N MET A 18 -7.67 1.68 -2.08
CA MET A 18 -7.12 2.13 -0.81
C MET A 18 -7.28 1.07 0.27
N ASP A 19 -8.32 0.26 0.15
CA ASP A 19 -8.58 -0.81 1.11
C ASP A 19 -7.52 -1.89 1.01
N THR A 20 -7.33 -2.42 -0.19
CA THR A 20 -6.33 -3.47 -0.41
C THR A 20 -4.95 -3.01 0.03
N LEU A 21 -4.67 -1.73 -0.20
CA LEU A 21 -3.39 -1.15 0.17
C LEU A 21 -3.19 -1.19 1.69
N GLN A 22 -4.22 -0.77 2.43
CA GLN A 22 -4.15 -0.77 3.88
C GLN A 22 -3.99 -2.19 4.42
N ILE A 23 -4.54 -3.15 3.70
CA ILE A 23 -4.44 -4.55 4.11
C ILE A 23 -3.03 -5.07 3.85
N HIS A 24 -2.44 -4.62 2.75
CA HIS A 24 -1.09 -5.03 2.38
C HIS A 24 -0.08 -4.48 3.38
N VAL A 25 -0.18 -3.19 3.70
CA VAL A 25 0.73 -2.57 4.64
C VAL A 25 0.51 -3.08 6.06
N MET A 26 -0.74 -3.38 6.39
CA MET A 26 -1.09 -3.88 7.71
C MET A 26 -0.26 -5.10 8.09
N GLU A 27 0.16 -5.87 7.09
CA GLU A 27 0.96 -7.07 7.34
C GLU A 27 2.32 -6.99 6.65
N CYS A 28 2.45 -6.15 5.63
CA CYS A 28 3.71 -6.02 4.90
C CYS A 28 4.86 -5.73 5.86
N ILE A 29 4.54 -5.19 7.03
CA ILE A 29 5.55 -4.86 8.03
C ILE A 29 5.86 -6.07 8.91
N GLU A 30 7.14 -6.39 9.04
CA GLU A 30 7.56 -7.53 9.84
C GLU A 30 7.84 -7.10 11.28
ZN ZN B . 4.29 -3.46 1.14
N SER A 2 1.60 14.83 -8.44
CA SER A 2 2.03 13.74 -9.35
C SER A 2 2.18 12.40 -8.62
N PRO A 3 2.92 12.38 -7.50
CA PRO A 3 3.12 11.16 -6.71
C PRO A 3 1.80 10.46 -6.36
N PRO A 4 1.75 9.13 -6.48
CA PRO A 4 0.55 8.36 -6.17
C PRO A 4 0.29 8.25 -4.68
N ASP A 5 -0.93 7.86 -4.32
CA ASP A 5 -1.30 7.71 -2.91
C ASP A 5 -1.55 6.24 -2.56
N PHE A 6 -1.70 5.40 -3.58
CA PHE A 6 -1.92 3.98 -3.35
C PHE A 6 -0.61 3.20 -3.42
N CYS A 7 0.44 3.78 -2.87
CA CYS A 7 1.76 3.14 -2.88
C CYS A 7 2.17 2.74 -1.47
N CYS A 8 2.75 1.54 -1.35
CA CYS A 8 3.20 1.02 -0.06
C CYS A 8 4.57 1.60 0.29
N PRO A 9 4.70 2.20 1.49
CA PRO A 9 5.97 2.80 1.94
C PRO A 9 7.02 1.76 2.33
N LYS A 10 6.65 0.49 2.23
CA LYS A 10 7.57 -0.60 2.60
C LYS A 10 8.25 -1.17 1.36
N CYS A 11 7.49 -1.41 0.31
CA CYS A 11 8.03 -1.97 -0.92
C CYS A 11 7.55 -1.22 -2.15
N GLN A 12 6.96 -0.04 -1.95
CA GLN A 12 6.46 0.77 -3.06
C GLN A 12 5.35 0.04 -3.82
N TYR A 13 4.79 -1.00 -3.19
CA TYR A 13 3.71 -1.76 -3.81
C TYR A 13 2.52 -0.87 -4.15
N GLN A 14 1.84 -1.18 -5.25
CA GLN A 14 0.68 -0.41 -5.68
C GLN A 14 -0.59 -1.24 -5.61
N ALA A 15 -1.47 -0.91 -4.67
CA ALA A 15 -2.72 -1.63 -4.51
C ALA A 15 -3.79 -1.10 -5.46
N PRO A 16 -4.71 -1.97 -5.90
CA PRO A 16 -5.78 -1.58 -6.82
C PRO A 16 -6.78 -0.62 -6.17
N ASP A 17 -6.69 -0.49 -4.84
CA ASP A 17 -7.58 0.41 -4.11
C ASP A 17 -6.94 0.77 -2.77
N MET A 18 -7.55 1.73 -2.08
CA MET A 18 -7.02 2.17 -0.79
C MET A 18 -7.21 1.08 0.26
N ASP A 19 -8.27 0.30 0.12
CA ASP A 19 -8.56 -0.77 1.05
C ASP A 19 -7.52 -1.89 0.94
N THR A 20 -7.33 -2.38 -0.29
CA THR A 20 -6.36 -3.44 -0.53
C THR A 20 -4.97 -3.02 -0.08
N LEU A 21 -4.65 -1.74 -0.28
CA LEU A 21 -3.36 -1.20 0.11
C LEU A 21 -3.18 -1.27 1.62
N GLN A 22 -4.20 -0.84 2.36
CA GLN A 22 -4.15 -0.85 3.81
C GLN A 22 -3.98 -2.27 4.33
N ILE A 23 -4.57 -3.23 3.62
CA ILE A 23 -4.46 -4.63 4.00
C ILE A 23 -3.05 -5.14 3.73
N HIS A 24 -2.46 -4.66 2.64
CA HIS A 24 -1.11 -5.06 2.26
C HIS A 24 -0.09 -4.53 3.28
N VAL A 25 -0.21 -3.24 3.62
CA VAL A 25 0.71 -2.63 4.57
C VAL A 25 0.46 -3.15 5.99
N MET A 26 -0.79 -3.44 6.29
CA MET A 26 -1.17 -3.94 7.61
C MET A 26 -0.33 -5.16 8.00
N GLU A 27 0.17 -5.89 7.00
CA GLU A 27 0.98 -7.07 7.25
C GLU A 27 2.38 -6.94 6.66
N CYS A 28 2.54 -6.06 5.68
CA CYS A 28 3.85 -5.85 5.06
C CYS A 28 4.90 -5.55 6.11
N ILE A 29 4.45 -5.05 7.26
CA ILE A 29 5.35 -4.72 8.36
C ILE A 29 5.10 -5.60 9.57
N GLU A 30 6.13 -6.36 9.96
CA GLU A 30 6.02 -7.25 11.10
C GLU A 30 6.00 -6.47 12.41
ZN ZN B . 4.31 -3.52 0.99
N SER A 2 4.31 5.65 -6.61
CA SER A 2 3.87 6.09 -7.96
C SER A 2 2.46 6.69 -7.93
N PRO A 3 1.46 5.88 -7.52
CA PRO A 3 0.08 6.34 -7.46
C PRO A 3 -0.15 7.35 -6.33
N PRO A 4 -1.35 7.96 -6.27
CA PRO A 4 -1.69 8.95 -5.24
C PRO A 4 -2.04 8.32 -3.90
N ASP A 5 -1.01 8.10 -3.07
CA ASP A 5 -1.20 7.53 -1.74
C ASP A 5 -1.56 6.05 -1.80
N PHE A 6 -1.54 5.46 -2.99
CA PHE A 6 -1.86 4.04 -3.15
C PHE A 6 -0.60 3.21 -3.36
N CYS A 7 0.44 3.53 -2.61
CA CYS A 7 1.71 2.82 -2.71
C CYS A 7 2.24 2.44 -1.34
N CYS A 8 2.62 1.17 -1.18
CA CYS A 8 3.15 0.67 0.08
C CYS A 8 4.51 1.30 0.39
N PRO A 9 4.63 2.04 1.50
CA PRO A 9 5.89 2.69 1.88
C PRO A 9 7.01 1.69 2.19
N LYS A 10 6.62 0.42 2.38
CA LYS A 10 7.59 -0.62 2.71
C LYS A 10 8.28 -1.19 1.46
N CYS A 11 7.51 -1.47 0.42
CA CYS A 11 8.07 -2.02 -0.82
C CYS A 11 7.59 -1.27 -2.05
N GLN A 12 6.94 -0.14 -1.85
CA GLN A 12 6.43 0.66 -2.97
C GLN A 12 5.39 -0.11 -3.78
N TYR A 13 4.84 -1.17 -3.18
CA TYR A 13 3.84 -1.98 -3.85
C TYR A 13 2.63 -1.14 -4.25
N GLN A 14 2.06 -1.42 -5.42
CA GLN A 14 0.91 -0.70 -5.91
C GLN A 14 -0.39 -1.40 -5.51
N ALA A 15 -1.43 -0.61 -5.26
CA ALA A 15 -2.72 -1.17 -4.86
C ALA A 15 -3.84 -0.66 -5.78
N PRO A 16 -4.78 -1.54 -6.15
CA PRO A 16 -5.91 -1.17 -7.01
C PRO A 16 -6.91 -0.26 -6.29
N ASP A 17 -6.81 -0.22 -4.96
CA ASP A 17 -7.69 0.61 -4.16
C ASP A 17 -7.00 1.01 -2.87
N MET A 18 -7.73 1.67 -1.97
CA MET A 18 -7.16 2.11 -0.71
C MET A 18 -7.28 1.02 0.35
N ASP A 19 -8.33 0.19 0.23
CA ASP A 19 -8.56 -0.89 1.18
C ASP A 19 -7.49 -1.98 1.02
N THR A 20 -7.32 -2.46 -0.20
CA THR A 20 -6.33 -3.49 -0.49
C THR A 20 -4.94 -3.05 -0.05
N LEU A 21 -4.65 -1.77 -0.23
CA LEU A 21 -3.36 -1.21 0.16
C LEU A 21 -3.15 -1.31 1.66
N GLN A 22 -4.16 -0.90 2.42
CA GLN A 22 -4.09 -0.94 3.88
C GLN A 22 -3.93 -2.38 4.37
N ILE A 23 -4.53 -3.31 3.66
CA ILE A 23 -4.44 -4.72 4.02
C ILE A 23 -3.04 -5.25 3.75
N HIS A 24 -2.45 -4.80 2.66
CA HIS A 24 -1.10 -5.21 2.29
C HIS A 24 -0.08 -4.69 3.30
N VAL A 25 -0.17 -3.41 3.63
CA VAL A 25 0.75 -2.79 4.58
C VAL A 25 0.49 -3.31 5.99
N MET A 26 -0.77 -3.55 6.30
CA MET A 26 -1.15 -4.04 7.62
C MET A 26 -0.37 -5.29 7.99
N GLU A 27 0.10 -6.02 6.98
CA GLU A 27 0.86 -7.25 7.21
C GLU A 27 2.26 -7.17 6.60
N CYS A 28 2.54 -6.07 5.89
CA CYS A 28 3.84 -5.90 5.26
C CYS A 28 4.82 -5.21 6.21
N ILE A 29 4.37 -4.11 6.80
CA ILE A 29 5.20 -3.35 7.72
C ILE A 29 5.43 -4.12 9.02
N GLU A 30 6.70 -4.40 9.31
CA GLU A 30 7.06 -5.14 10.53
C GLU A 30 8.50 -4.84 10.92
ZN ZN B . 4.46 -3.82 1.10
N SER A 2 1.51 14.78 -8.02
CA SER A 2 0.54 14.34 -6.98
C SER A 2 0.97 13.02 -6.34
N PRO A 3 1.73 13.09 -5.23
CA PRO A 3 2.20 11.89 -4.52
C PRO A 3 1.09 10.87 -4.28
N PRO A 4 1.08 9.76 -5.06
CA PRO A 4 0.08 8.72 -4.92
C PRO A 4 -0.07 8.23 -3.49
N ASP A 5 -1.24 7.67 -3.17
CA ASP A 5 -1.51 7.16 -1.83
C ASP A 5 -1.69 5.65 -1.83
N PHE A 6 -1.81 5.06 -3.01
CA PHE A 6 -1.99 3.62 -3.14
C PHE A 6 -0.65 2.92 -3.34
N CYS A 7 0.36 3.36 -2.60
CA CYS A 7 1.69 2.77 -2.70
C CYS A 7 2.25 2.43 -1.33
N CYS A 8 2.58 1.15 -1.12
CA CYS A 8 3.14 0.70 0.15
C CYS A 8 4.54 1.28 0.35
N PRO A 9 4.76 2.03 1.44
CA PRO A 9 6.06 2.65 1.73
C PRO A 9 7.12 1.63 2.14
N LYS A 10 6.71 0.40 2.41
CA LYS A 10 7.63 -0.65 2.82
C LYS A 10 8.34 -1.29 1.63
N CYS A 11 7.59 -1.59 0.57
CA CYS A 11 8.17 -2.21 -0.62
C CYS A 11 7.72 -1.53 -1.91
N GLN A 12 6.97 -0.44 -1.78
CA GLN A 12 6.48 0.28 -2.96
C GLN A 12 5.58 -0.60 -3.82
N TYR A 13 4.39 -0.90 -3.29
CA TYR A 13 3.42 -1.73 -4.00
C TYR A 13 2.18 -0.93 -4.39
N GLN A 14 1.89 -0.90 -5.69
CA GLN A 14 0.73 -0.18 -6.18
C GLN A 14 -0.55 -0.99 -6.01
N ALA A 15 -1.52 -0.43 -5.29
CA ALA A 15 -2.78 -1.12 -5.05
C ALA A 15 -3.92 -0.45 -5.81
N PRO A 16 -4.88 -1.25 -6.33
CA PRO A 16 -6.02 -0.73 -7.08
C PRO A 16 -7.00 0.03 -6.19
N ASP A 17 -6.86 -0.14 -4.88
CA ASP A 17 -7.73 0.53 -3.93
C ASP A 17 -7.03 0.68 -2.57
N MET A 18 -7.32 1.77 -1.88
CA MET A 18 -6.71 2.03 -0.59
C MET A 18 -6.97 0.87 0.38
N ASP A 19 -8.08 0.18 0.20
CA ASP A 19 -8.44 -0.94 1.05
C ASP A 19 -7.42 -2.07 0.92
N THR A 20 -7.21 -2.54 -0.31
CA THR A 20 -6.26 -3.60 -0.57
C THR A 20 -4.86 -3.20 -0.11
N LEU A 21 -4.54 -1.93 -0.29
CA LEU A 21 -3.23 -1.40 0.13
C LEU A 21 -3.10 -1.45 1.64
N GLN A 22 -4.15 -1.00 2.34
CA GLN A 22 -4.14 -1.00 3.80
C GLN A 22 -3.97 -2.41 4.34
N ILE A 23 -4.53 -3.38 3.61
CA ILE A 23 -4.43 -4.77 4.00
C ILE A 23 -3.02 -5.28 3.73
N HIS A 24 -2.41 -4.80 2.66
CA HIS A 24 -1.06 -5.18 2.29
C HIS A 24 -0.06 -4.67 3.31
N VAL A 25 -0.19 -3.38 3.66
CA VAL A 25 0.72 -2.77 4.63
C VAL A 25 0.48 -3.30 6.03
N MET A 26 -0.79 -3.58 6.34
CA MET A 26 -1.16 -4.09 7.65
C MET A 26 -0.36 -5.34 8.01
N GLU A 27 0.10 -6.06 6.98
CA GLU A 27 0.89 -7.27 7.19
C GLU A 27 2.28 -7.17 6.56
N CYS A 28 2.62 -5.97 6.09
CA CYS A 28 3.92 -5.75 5.46
C CYS A 28 4.84 -4.93 6.38
N ILE A 29 4.29 -3.88 6.95
CA ILE A 29 5.04 -3.01 7.84
C ILE A 29 5.14 -3.62 9.24
N GLU A 30 6.35 -3.65 9.79
CA GLU A 30 6.58 -4.20 11.11
C GLU A 30 6.17 -5.68 11.17
ZN ZN B . 4.54 -3.73 1.26
N SER A 2 3.12 15.32 -7.92
CA SER A 2 1.90 14.72 -7.31
C SER A 2 2.05 13.21 -7.16
N PRO A 3 2.60 12.76 -6.01
CA PRO A 3 2.79 11.33 -5.74
C PRO A 3 1.47 10.60 -5.50
N PRO A 4 1.43 9.29 -5.79
CA PRO A 4 0.22 8.47 -5.61
C PRO A 4 -0.09 8.22 -4.14
N ASP A 5 -1.28 7.69 -3.87
CA ASP A 5 -1.70 7.39 -2.52
C ASP A 5 -1.79 5.89 -2.27
N PHE A 6 -1.86 5.13 -3.36
CA PHE A 6 -1.94 3.67 -3.26
C PHE A 6 -0.56 3.03 -3.39
N CYS A 7 0.45 3.71 -2.84
CA CYS A 7 1.82 3.20 -2.90
C CYS A 7 2.33 2.82 -1.51
N CYS A 8 2.68 1.55 -1.35
CA CYS A 8 3.18 1.05 -0.08
C CYS A 8 4.55 1.65 0.23
N PRO A 9 4.69 2.34 1.38
CA PRO A 9 5.95 2.97 1.78
C PRO A 9 6.98 1.98 2.34
N LYS A 10 6.63 0.70 2.33
CA LYS A 10 7.53 -0.34 2.85
C LYS A 10 8.24 -1.07 1.71
N CYS A 11 7.50 -1.31 0.62
CA CYS A 11 8.08 -2.01 -0.53
C CYS A 11 7.67 -1.36 -1.85
N GLN A 12 7.06 -0.17 -1.77
CA GLN A 12 6.64 0.55 -2.97
C GLN A 12 5.55 -0.20 -3.73
N TYR A 13 4.94 -1.20 -3.09
CA TYR A 13 3.88 -1.98 -3.72
C TYR A 13 2.70 -1.08 -4.09
N GLN A 14 1.95 -1.48 -5.10
CA GLN A 14 0.79 -0.72 -5.55
C GLN A 14 -0.49 -1.54 -5.42
N ALA A 15 -1.54 -0.89 -4.92
CA ALA A 15 -2.83 -1.57 -4.74
C ALA A 15 -3.89 -0.96 -5.66
N PRO A 16 -4.87 -1.76 -6.09
CA PRO A 16 -5.95 -1.31 -6.97
C PRO A 16 -6.88 -0.31 -6.28
N ASP A 17 -6.78 -0.23 -4.95
CA ASP A 17 -7.60 0.69 -4.18
C ASP A 17 -6.90 1.06 -2.87
N MET A 18 -7.66 1.67 -1.96
CA MET A 18 -7.10 2.06 -0.67
C MET A 18 -7.27 0.95 0.37
N ASP A 19 -8.35 0.17 0.22
CA ASP A 19 -8.61 -0.92 1.15
C ASP A 19 -7.56 -2.01 1.01
N THR A 20 -7.38 -2.52 -0.20
CA THR A 20 -6.39 -3.57 -0.45
C THR A 20 -5.00 -3.09 -0.05
N LEU A 21 -4.73 -1.82 -0.30
CA LEU A 21 -3.45 -1.21 0.04
C LEU A 21 -3.24 -1.23 1.55
N GLN A 22 -4.25 -0.83 2.29
CA GLN A 22 -4.18 -0.80 3.75
C GLN A 22 -3.94 -2.19 4.30
N ILE A 23 -4.58 -3.18 3.68
CA ILE A 23 -4.43 -4.56 4.12
C ILE A 23 -3.02 -5.06 3.81
N HIS A 24 -2.45 -4.55 2.73
CA HIS A 24 -1.10 -4.93 2.32
C HIS A 24 -0.07 -4.43 3.34
N VAL A 25 -0.18 -3.16 3.72
CA VAL A 25 0.75 -2.57 4.67
C VAL A 25 0.55 -3.14 6.07
N MET A 26 -0.70 -3.39 6.42
CA MET A 26 -1.05 -3.94 7.73
C MET A 26 -0.25 -5.21 8.03
N GLU A 27 0.17 -5.91 6.98
CA GLU A 27 0.94 -7.15 7.17
C GLU A 27 2.31 -7.05 6.50
N CYS A 28 2.42 -6.23 5.47
CA CYS A 28 3.70 -6.05 4.77
C CYS A 28 4.77 -5.55 5.73
N ILE A 29 4.33 -4.89 6.79
CA ILE A 29 5.25 -4.36 7.79
C ILE A 29 5.53 -5.38 8.89
N GLU A 30 6.79 -5.52 9.26
CA GLU A 30 7.18 -6.45 10.31
C GLU A 30 6.96 -5.86 11.69
ZN ZN B . 4.27 -3.50 0.99
N SER A 2 3.28 15.08 -9.02
CA SER A 2 2.68 14.47 -7.82
C SER A 2 1.49 13.58 -8.18
N PRO A 3 1.76 12.37 -8.71
CA PRO A 3 0.71 11.43 -9.10
C PRO A 3 0.00 10.81 -7.89
N PRO A 4 -1.06 10.03 -8.13
CA PRO A 4 -1.82 9.37 -7.05
C PRO A 4 -0.91 8.61 -6.09
N ASP A 5 -1.49 8.19 -4.96
CA ASP A 5 -0.73 7.44 -3.97
C ASP A 5 -0.93 5.93 -4.13
N PHE A 6 -1.79 5.33 -3.31
CA PHE A 6 -2.07 3.90 -3.39
C PHE A 6 -0.77 3.10 -3.48
N CYS A 7 0.31 3.66 -2.94
CA CYS A 7 1.60 2.99 -2.98
C CYS A 7 2.07 2.62 -1.57
N CYS A 8 2.53 1.39 -1.41
CA CYS A 8 3.01 0.91 -0.12
C CYS A 8 4.34 1.57 0.24
N PRO A 9 4.45 2.16 1.44
CA PRO A 9 5.67 2.84 1.89
C PRO A 9 6.72 1.88 2.46
N LYS A 10 6.52 0.58 2.25
CA LYS A 10 7.46 -0.42 2.75
C LYS A 10 8.20 -1.09 1.59
N CYS A 11 7.48 -1.35 0.51
CA CYS A 11 8.08 -2.00 -0.66
C CYS A 11 7.63 -1.33 -1.97
N GLN A 12 6.96 -0.18 -1.85
CA GLN A 12 6.48 0.54 -3.02
C GLN A 12 5.45 -0.27 -3.80
N TYR A 13 4.89 -1.30 -3.16
CA TYR A 13 3.89 -2.14 -3.81
C TYR A 13 2.68 -1.32 -4.25
N GLN A 14 2.28 -1.49 -5.50
CA GLN A 14 1.13 -0.77 -6.04
C GLN A 14 -0.18 -1.34 -5.51
N ALA A 15 -1.17 -0.48 -5.33
CA ALA A 15 -2.47 -0.91 -4.82
C ALA A 15 -3.61 -0.41 -5.69
N PRO A 16 -4.49 -1.32 -6.17
CA PRO A 16 -5.63 -0.94 -7.02
C PRO A 16 -6.74 -0.28 -6.23
N ASP A 17 -6.69 -0.41 -4.90
CA ASP A 17 -7.70 0.18 -4.03
C ASP A 17 -7.08 0.55 -2.69
N MET A 18 -7.54 1.65 -2.11
CA MET A 18 -7.03 2.11 -0.83
C MET A 18 -7.24 1.05 0.25
N ASP A 19 -8.32 0.30 0.14
CA ASP A 19 -8.63 -0.75 1.11
C ASP A 19 -7.58 -1.86 1.06
N THR A 20 -7.40 -2.43 -0.12
CA THR A 20 -6.42 -3.51 -0.29
C THR A 20 -5.03 -3.05 0.15
N LEU A 21 -4.73 -1.78 -0.11
CA LEU A 21 -3.45 -1.21 0.26
C LEU A 21 -3.24 -1.28 1.76
N GLN A 22 -4.27 -0.87 2.51
CA GLN A 22 -4.20 -0.88 3.97
C GLN A 22 -4.01 -2.30 4.49
N ILE A 23 -4.56 -3.27 3.76
CA ILE A 23 -4.45 -4.66 4.15
C ILE A 23 -3.04 -5.17 3.88
N HIS A 24 -2.45 -4.70 2.79
CA HIS A 24 -1.10 -5.08 2.42
C HIS A 24 -0.08 -4.55 3.42
N VAL A 25 -0.21 -3.26 3.75
CA VAL A 25 0.71 -2.62 4.69
C VAL A 25 0.50 -3.16 6.10
N MET A 26 -0.75 -3.47 6.43
CA MET A 26 -1.10 -3.98 7.75
C MET A 26 -0.23 -5.18 8.13
N GLU A 27 0.21 -5.94 7.13
CA GLU A 27 1.03 -7.12 7.37
C GLU A 27 2.40 -7.00 6.68
N CYS A 28 2.46 -6.25 5.59
CA CYS A 28 3.71 -6.07 4.85
C CYS A 28 4.79 -5.49 5.77
N ILE A 29 4.37 -4.78 6.81
CA ILE A 29 5.30 -4.18 7.74
C ILE A 29 5.66 -5.15 8.85
N GLU A 30 6.96 -5.26 9.14
CA GLU A 30 7.43 -6.15 10.19
C GLU A 30 7.61 -5.41 11.51
ZN ZN B . 4.35 -3.57 0.93
#